data_6HCD
#
_entry.id   6HCD
#
_cell.length_a   43.174
_cell.length_b   99.158
_cell.length_c   57.387
_cell.angle_alpha   90.00
_cell.angle_beta   92.38
_cell.angle_gamma   90.00
#
_symmetry.space_group_name_H-M   'P 1 21 1'
#
loop_
_entity.id
_entity.type
_entity.pdbx_description
1 polymer 'UNIVERSAL STRESS PROTEIN'
2 non-polymer 'UNKNOWN LIGAND'
3 non-polymer 'CHLORIDE ION'
4 non-polymer 'ACETATE ION'
5 water water
#
_entity_poly.entity_id   1
_entity_poly.type   'polypeptide(L)'
_entity_poly.pdbx_seq_one_letter_code
;(MSE)GSSHHHHHHSSGRENLYFQG(MSE)IY(MSE)PIVVAVDKKSDRAERVLRFAAEEARLRGVPVYVVHSLPGGGRT
KDEDIIEAKETLSWAVSIIRKEGAEGEEHLLVRGKEPPDDIVDFADEVDAIAIVIGIRKRSPTGKLIFGSVARDVILKAN
KPVICIK
;
_entity_poly.pdbx_strand_id   A,B,C,D
#
# COMPACT_ATOMS: atom_id res chain seq x y z
N ILE A 23 -9.69 16.34 4.65
CA ILE A 23 -8.52 16.12 3.73
C ILE A 23 -8.35 14.63 3.42
N TYR A 24 -8.85 13.73 4.29
CA TYR A 24 -8.63 12.29 4.18
C TYR A 24 -9.94 11.53 4.16
N PRO A 26 -11.61 8.49 5.74
CA PRO A 26 -11.41 7.63 6.91
C PRO A 26 -11.83 6.18 6.68
N ILE A 27 -11.39 5.31 7.60
CA ILE A 27 -12.00 4.01 7.82
C ILE A 27 -13.16 4.24 8.79
N VAL A 28 -14.35 3.76 8.45
CA VAL A 28 -15.52 3.84 9.34
C VAL A 28 -15.72 2.45 9.94
N VAL A 29 -15.86 2.39 11.27
CA VAL A 29 -16.10 1.14 11.95
C VAL A 29 -17.39 1.30 12.76
N ALA A 30 -18.33 0.36 12.55
CA ALA A 30 -19.58 0.33 13.28
C ALA A 30 -19.44 -0.67 14.43
N VAL A 31 -19.74 -0.21 15.66
CA VAL A 31 -19.65 -1.07 16.84
C VAL A 31 -20.99 -1.05 17.58
N ASP A 32 -21.45 -2.22 18.02
CA ASP A 32 -22.71 -2.33 18.76
C ASP A 32 -22.43 -2.11 20.24
N LYS A 33 -21.69 -3.04 20.85
CA LYS A 33 -21.49 -3.10 22.29
C LYS A 33 -20.03 -3.44 22.55
N LYS A 34 -19.60 -3.33 23.82
CA LYS A 34 -18.28 -3.81 24.17
C LYS A 34 -18.36 -5.34 24.16
N SER A 35 -17.51 -5.98 23.35
CA SER A 35 -17.52 -7.43 23.16
C SER A 35 -16.20 -7.83 22.51
N ASP A 36 -15.89 -9.14 22.64
CA ASP A 36 -14.72 -9.73 21.99
C ASP A 36 -14.82 -9.50 20.49
N ARG A 37 -16.02 -9.63 19.91
CA ARG A 37 -16.21 -9.42 18.47
C ARG A 37 -15.86 -7.97 18.10
N ALA A 38 -16.40 -7.01 18.87
CA ALA A 38 -16.16 -5.60 18.62
C ALA A 38 -14.66 -5.32 18.63
N GLU A 39 -13.94 -5.93 19.58
CA GLU A 39 -12.49 -5.77 19.69
C GLU A 39 -11.79 -6.23 18.40
N ARG A 40 -12.20 -7.38 17.85
CA ARG A 40 -11.59 -7.95 16.65
C ARG A 40 -11.87 -7.01 15.46
N VAL A 41 -13.11 -6.49 15.41
CA VAL A 41 -13.53 -5.54 14.37
C VAL A 41 -12.62 -4.31 14.42
N LEU A 42 -12.42 -3.77 15.62
CA LEU A 42 -11.63 -2.55 15.83
C LEU A 42 -10.16 -2.80 15.50
N ARG A 43 -9.61 -3.95 15.90
CA ARG A 43 -8.22 -4.28 15.62
C ARG A 43 -7.99 -4.34 14.09
N PHE A 44 -8.93 -4.93 13.36
CA PHE A 44 -8.78 -5.01 11.90
C PHE A 44 -8.87 -3.61 11.27
N ALA A 45 -9.84 -2.81 11.73
CA ALA A 45 -10.02 -1.43 11.29
C ALA A 45 -8.75 -0.60 11.55
N ALA A 46 -8.15 -0.74 12.73
CA ALA A 46 -6.93 -0.01 13.10
C ALA A 46 -5.78 -0.38 12.17
N GLU A 47 -5.68 -1.66 11.81
CA GLU A 47 -4.62 -2.12 10.93
C GLU A 47 -4.82 -1.51 9.53
N GLU A 48 -6.06 -1.50 9.03
CA GLU A 48 -6.38 -0.86 7.75
C GLU A 48 -5.94 0.61 7.78
N ALA A 49 -6.25 1.30 8.89
CA ALA A 49 -5.99 2.72 9.06
C ALA A 49 -4.48 2.99 9.12
N ARG A 50 -3.74 2.16 9.88
CA ARG A 50 -2.27 2.26 10.00
C ARG A 50 -1.62 2.10 8.63
N LEU A 51 -2.06 1.10 7.86
CA LEU A 51 -1.51 0.83 6.54
C LEU A 51 -1.74 2.02 5.60
N ARG A 52 -2.93 2.63 5.67
CA ARG A 52 -3.36 3.65 4.72
C ARG A 52 -2.98 5.06 5.20
N GLY A 53 -2.67 5.21 6.49
CA GLY A 53 -2.38 6.51 7.11
C GLY A 53 -3.60 7.41 7.18
N VAL A 54 -4.74 6.85 7.58
CA VAL A 54 -5.99 7.60 7.73
C VAL A 54 -6.54 7.32 9.13
N PRO A 55 -7.40 8.20 9.67
CA PRO A 55 -8.05 7.96 10.95
C PRO A 55 -9.21 6.96 10.85
N VAL A 56 -9.58 6.42 12.01
CA VAL A 56 -10.74 5.58 12.16
C VAL A 56 -11.88 6.41 12.78
N TYR A 57 -13.04 6.44 12.13
CA TYR A 57 -14.25 7.00 12.69
C TYR A 57 -15.11 5.86 13.23
N VAL A 58 -15.29 5.82 14.55
CA VAL A 58 -16.06 4.78 15.18
C VAL A 58 -17.49 5.30 15.34
N VAL A 59 -18.47 4.54 14.84
CA VAL A 59 -19.86 5.01 14.87
C VAL A 59 -20.74 4.00 15.62
N HIS A 60 -21.75 4.57 16.29
CA HIS A 60 -22.87 3.82 16.83
C HIS A 60 -24.13 4.67 16.63
N SER A 61 -25.22 4.00 16.18
CA SER A 61 -26.46 4.64 15.77
C SER A 61 -27.59 4.33 16.75
N LEU A 62 -28.33 5.36 17.18
CA LEU A 62 -29.60 5.25 17.90
C LEU A 62 -30.67 6.12 17.22
N PRO A 63 -31.97 5.76 17.26
CA PRO A 63 -33.02 6.58 16.64
C PRO A 63 -33.18 7.98 17.27
N GLY A 64 -33.35 8.03 18.59
CA GLY A 64 -33.31 9.30 19.35
C GLY A 64 -34.67 9.84 19.75
N GLY A 65 -35.74 9.05 19.59
CA GLY A 65 -37.07 9.46 20.07
C GLY A 65 -37.28 9.05 21.53
N GLY A 66 -38.52 9.12 21.99
CA GLY A 66 -38.92 8.79 23.36
C GLY A 66 -38.57 7.35 23.77
N ARG A 67 -38.42 6.46 22.78
CA ARG A 67 -38.11 5.04 23.02
C ARG A 67 -36.63 4.88 23.40
N THR A 68 -35.77 5.73 22.85
CA THR A 68 -34.33 5.73 23.16
C THR A 68 -34.13 6.30 24.57
N LYS A 69 -33.73 5.43 25.52
CA LYS A 69 -33.62 5.86 26.94
C LYS A 69 -32.23 6.42 27.23
N ASP A 70 -32.12 7.16 28.34
CA ASP A 70 -30.86 7.86 28.68
C ASP A 70 -29.73 6.83 28.81
N GLU A 71 -29.98 5.68 29.49
CA GLU A 71 -28.98 4.64 29.72
C GLU A 71 -28.51 4.01 28.40
N ASP A 72 -29.39 3.91 27.40
CA ASP A 72 -29.04 3.48 26.05
C ASP A 72 -27.95 4.39 25.48
N ILE A 73 -28.12 5.70 25.67
CA ILE A 73 -27.24 6.67 25.06
C ILE A 73 -25.90 6.68 25.81
N ILE A 74 -25.97 6.54 27.14
CA ILE A 74 -24.80 6.47 28.01
C ILE A 74 -23.94 5.29 27.58
N GLU A 75 -24.55 4.10 27.47
CA GLU A 75 -23.86 2.87 27.10
C GLU A 75 -23.19 3.06 25.72
N ALA A 76 -23.92 3.67 24.77
CA ALA A 76 -23.37 3.84 23.43
C ALA A 76 -22.14 4.75 23.48
N LYS A 77 -22.21 5.83 24.26
CA LYS A 77 -21.08 6.78 24.42
C LYS A 77 -19.88 6.05 25.05
N GLU A 78 -20.15 5.21 26.06
CA GLU A 78 -19.11 4.42 26.73
C GLU A 78 -18.48 3.45 25.73
N THR A 79 -19.30 2.80 24.90
CA THR A 79 -18.82 1.88 23.88
C THR A 79 -17.86 2.62 22.92
N LEU A 80 -18.24 3.82 22.49
CA LEU A 80 -17.43 4.58 21.52
C LEU A 80 -16.10 5.03 22.15
N SER A 81 -16.16 5.45 23.41
CA SER A 81 -14.98 5.87 24.14
C SER A 81 -13.99 4.69 24.27
N TRP A 82 -14.54 3.54 24.65
CA TRP A 82 -13.78 2.29 24.74
C TRP A 82 -13.19 1.93 23.37
N ALA A 83 -14.01 2.01 22.34
CA ALA A 83 -13.59 1.64 20.99
C ALA A 83 -12.41 2.50 20.52
N VAL A 84 -12.49 3.82 20.73
CA VAL A 84 -11.41 4.73 20.34
C VAL A 84 -10.13 4.41 21.11
N SER A 85 -10.24 4.00 22.38
CA SER A 85 -9.06 3.63 23.17
C SER A 85 -8.39 2.40 22.53
N ILE A 86 -9.17 1.44 22.04
CA ILE A 86 -8.64 0.26 21.34
C ILE A 86 -7.88 0.70 20.07
N ILE A 87 -8.47 1.60 19.30
CA ILE A 87 -7.89 2.10 18.05
C ILE A 87 -6.51 2.70 18.34
N ARG A 88 -6.44 3.54 19.37
CA ARG A 88 -5.21 4.26 19.74
C ARG A 88 -4.16 3.27 20.26
N LYS A 89 -4.56 2.30 21.08
CA LYS A 89 -3.67 1.25 21.56
C LYS A 89 -3.07 0.47 20.39
N GLU A 90 -3.83 0.31 19.30
CA GLU A 90 -3.36 -0.40 18.10
C GLU A 90 -2.57 0.54 17.15
N GLY A 91 -2.29 1.76 17.60
CA GLY A 91 -1.37 2.66 16.91
C GLY A 91 -2.01 3.46 15.78
N ALA A 92 -3.34 3.60 15.80
CA ALA A 92 -4.08 4.40 14.80
C ALA A 92 -4.76 5.59 15.50
N GLU A 93 -5.15 6.58 14.70
CA GLU A 93 -5.90 7.74 15.15
C GLU A 93 -7.38 7.38 15.06
N GLY A 94 -8.14 7.66 16.14
CA GLY A 94 -9.59 7.35 16.20
C GLY A 94 -10.42 8.53 16.70
N GLU A 95 -11.64 8.66 16.16
CA GLU A 95 -12.64 9.64 16.59
C GLU A 95 -13.98 8.94 16.85
N GLU A 96 -14.69 9.38 17.89
CA GLU A 96 -16.04 8.92 18.19
C GLU A 96 -17.07 9.73 17.40
N HIS A 97 -18.07 9.04 16.84
CA HIS A 97 -19.19 9.66 16.17
C HIS A 97 -20.49 8.95 16.56
N LEU A 98 -21.13 9.45 17.61
CA LEU A 98 -22.46 8.96 18.01
C LEU A 98 -23.47 9.54 17.04
N LEU A 99 -24.35 8.69 16.49
CA LEU A 99 -25.36 9.12 15.52
C LEU A 99 -26.75 8.93 16.13
N VAL A 100 -27.43 10.05 16.39
CA VAL A 100 -28.83 10.06 16.78
C VAL A 100 -29.55 10.98 15.80
N ARG A 101 -30.08 10.39 14.73
CA ARG A 101 -30.44 11.12 13.51
C ARG A 101 -31.82 10.67 12.99
N GLY A 102 -32.58 9.94 13.82
CA GLY A 102 -33.92 9.47 13.47
C GLY A 102 -33.91 8.40 12.39
N LYS A 103 -32.81 7.67 12.23
CA LYS A 103 -32.69 6.63 11.21
C LYS A 103 -32.51 5.26 11.86
N GLU A 104 -32.78 4.20 11.09
CA GLU A 104 -32.43 2.84 11.49
C GLU A 104 -30.92 2.70 11.38
N PRO A 105 -30.26 1.91 12.26
CA PRO A 105 -28.80 1.79 12.24
C PRO A 105 -28.14 1.53 10.88
N PRO A 106 -28.61 0.57 10.05
CA PRO A 106 -27.95 0.29 8.77
C PRO A 106 -27.95 1.52 7.85
N ASP A 107 -29.09 2.18 7.72
CA ASP A 107 -29.19 3.38 6.85
C ASP A 107 -28.28 4.49 7.39
N ASP A 108 -28.23 4.60 8.73
CA ASP A 108 -27.45 5.61 9.40
C ASP A 108 -25.96 5.41 9.11
N ILE A 109 -25.49 4.17 9.25
CA ILE A 109 -24.08 3.81 9.05
C ILE A 109 -23.72 4.06 7.58
N VAL A 110 -24.58 3.61 6.67
CA VAL A 110 -24.33 3.70 5.22
C VAL A 110 -24.27 5.18 4.79
N ASP A 111 -25.22 5.98 5.29
CA ASP A 111 -25.26 7.40 4.94
C ASP A 111 -24.04 8.12 5.52
N PHE A 112 -23.68 7.82 6.78
CA PHE A 112 -22.51 8.40 7.41
C PHE A 112 -21.25 8.14 6.58
N ALA A 113 -21.07 6.88 6.14
CA ALA A 113 -19.92 6.48 5.34
C ALA A 113 -19.84 7.30 4.05
N ASP A 114 -21.00 7.52 3.42
CA ASP A 114 -21.06 8.37 2.19
C ASP A 114 -20.72 9.83 2.53
N GLU A 115 -21.24 10.31 3.66
CA GLU A 115 -21.07 11.71 4.07
C GLU A 115 -19.58 12.03 4.31
N VAL A 116 -18.82 11.08 4.83
CA VAL A 116 -17.41 11.31 5.18
C VAL A 116 -16.48 10.75 4.09
N ASP A 117 -17.06 10.24 2.98
CA ASP A 117 -16.31 9.68 1.86
C ASP A 117 -15.34 8.59 2.36
N ALA A 118 -15.88 7.62 3.14
CA ALA A 118 -15.08 6.58 3.79
C ALA A 118 -14.41 5.70 2.73
N ILE A 119 -13.21 5.21 3.05
CA ILE A 119 -12.51 4.24 2.20
C ILE A 119 -13.27 2.90 2.27
N ALA A 120 -13.72 2.56 3.48
CA ALA A 120 -14.46 1.33 3.71
C ALA A 120 -15.20 1.44 5.04
N ILE A 121 -16.22 0.57 5.18
CA ILE A 121 -16.92 0.33 6.43
C ILE A 121 -16.45 -1.02 6.97
N VAL A 122 -16.11 -1.06 8.24
CA VAL A 122 -15.74 -2.33 8.87
C VAL A 122 -16.82 -2.64 9.91
N ILE A 123 -17.37 -3.87 9.84
CA ILE A 123 -18.49 -4.26 10.67
C ILE A 123 -18.31 -5.72 11.12
N GLY A 124 -18.89 -6.03 12.28
CA GLY A 124 -18.91 -7.38 12.81
C GLY A 124 -20.13 -8.16 12.31
N ILE A 125 -19.90 -9.45 12.10
CA ILE A 125 -20.88 -10.42 11.62
C ILE A 125 -21.09 -11.45 12.73
N ARG A 126 -22.36 -11.79 13.01
CA ARG A 126 -22.72 -12.62 14.14
C ARG A 126 -22.35 -14.08 13.86
N LYS A 127 -22.41 -14.46 12.58
CA LYS A 127 -22.00 -15.77 12.08
C LYS A 127 -23.02 -16.88 12.45
N ARG A 128 -23.23 -17.17 13.74
CA ARG A 128 -24.07 -18.31 14.14
C ARG A 128 -25.15 -17.86 15.10
N SER A 129 -26.36 -18.40 14.93
CA SER A 129 -27.45 -18.20 15.86
C SER A 129 -27.27 -19.14 17.05
N PRO A 130 -28.06 -18.97 18.14
CA PRO A 130 -28.08 -19.93 19.24
C PRO A 130 -28.34 -21.38 18.81
N THR A 131 -29.02 -21.58 17.68
CA THR A 131 -29.34 -22.91 17.16
C THR A 131 -28.43 -23.28 15.98
N GLY A 132 -27.31 -22.57 15.81
CA GLY A 132 -26.25 -22.97 14.88
C GLY A 132 -26.53 -22.56 13.45
N LYS A 133 -27.58 -21.74 13.23
CA LYS A 133 -27.92 -21.25 11.89
C LYS A 133 -26.88 -20.20 11.47
N LEU A 134 -26.54 -20.16 10.16
CA LEU A 134 -25.62 -19.14 9.64
C LEU A 134 -26.37 -17.83 9.46
N ILE A 135 -25.98 -16.79 10.20
CA ILE A 135 -26.68 -15.51 10.18
C ILE A 135 -25.67 -14.35 10.05
N PHE A 136 -26.10 -13.24 9.44
CA PHE A 136 -25.33 -12.02 9.47
C PHE A 136 -25.50 -11.26 10.79
N GLY A 137 -26.72 -11.24 11.32
CA GLY A 137 -27.16 -10.17 12.23
C GLY A 137 -27.83 -9.04 11.44
N SER A 138 -28.96 -8.53 11.94
CA SER A 138 -29.90 -7.78 11.08
C SER A 138 -29.23 -6.49 10.58
N VAL A 139 -28.41 -5.86 11.43
CA VAL A 139 -27.77 -4.57 11.10
C VAL A 139 -26.71 -4.81 10.01
N ALA A 140 -25.82 -5.78 10.24
CA ALA A 140 -24.73 -6.09 9.32
C ALA A 140 -25.29 -6.48 7.94
N ARG A 141 -26.32 -7.31 7.93
CA ARG A 141 -26.95 -7.78 6.70
C ARG A 141 -27.32 -6.57 5.81
N ASP A 142 -28.03 -5.61 6.39
CA ASP A 142 -28.55 -4.49 5.62
C ASP A 142 -27.44 -3.49 5.28
N VAL A 143 -26.44 -3.35 6.14
CA VAL A 143 -25.27 -2.52 5.83
C VAL A 143 -24.58 -3.08 4.59
N ILE A 144 -24.35 -4.40 4.54
CA ILE A 144 -23.66 -5.02 3.43
C ILE A 144 -24.40 -4.75 2.12
N LEU A 145 -25.73 -4.84 2.12
CA LEU A 145 -26.53 -4.72 0.88
C LEU A 145 -26.72 -3.25 0.48
N LYS A 146 -26.88 -2.37 1.48
CA LYS A 146 -27.25 -0.96 1.22
C LYS A 146 -26.03 -0.07 0.95
N ALA A 147 -24.84 -0.46 1.42
CA ALA A 147 -23.69 0.44 1.39
C ALA A 147 -23.29 0.79 -0.04
N ASN A 148 -22.82 2.02 -0.24
CA ASN A 148 -22.13 2.40 -1.49
C ASN A 148 -20.63 2.13 -1.37
N LYS A 149 -20.14 2.10 -0.12
CA LYS A 149 -18.72 1.95 0.12
C LYS A 149 -18.39 0.47 0.26
N PRO A 150 -17.11 0.07 0.08
CA PRO A 150 -16.69 -1.29 0.42
C PRO A 150 -17.06 -1.62 1.88
N VAL A 151 -17.51 -2.87 2.13
CA VAL A 151 -17.81 -3.31 3.51
C VAL A 151 -16.92 -4.51 3.84
N ILE A 152 -16.16 -4.36 4.92
CA ILE A 152 -15.27 -5.38 5.41
C ILE A 152 -15.97 -6.07 6.60
N CYS A 153 -16.21 -7.37 6.44
CA CYS A 153 -16.99 -8.15 7.37
C CYS A 153 -16.06 -9.03 8.19
N ILE A 154 -16.07 -8.82 9.52
CA ILE A 154 -15.18 -9.45 10.47
C ILE A 154 -16.03 -10.30 11.43
N LYS A 155 -15.56 -11.54 11.66
CA LYS A 155 -16.24 -12.50 12.52
C LYS A 155 -15.59 -12.50 13.91
N TYR B 24 3.53 -16.59 2.10
CA TYR B 24 2.69 -15.36 2.35
C TYR B 24 1.21 -15.75 2.35
N PRO B 26 -2.23 -14.85 1.04
CA PRO B 26 -2.70 -14.03 -0.06
C PRO B 26 -4.06 -13.35 0.19
N ILE B 27 -4.37 -12.37 -0.65
CA ILE B 27 -5.71 -11.88 -0.83
C ILE B 27 -6.36 -12.78 -1.89
N VAL B 28 -7.53 -13.35 -1.57
CA VAL B 28 -8.27 -14.16 -2.52
C VAL B 28 -9.42 -13.31 -3.07
N VAL B 29 -9.53 -13.25 -4.40
CA VAL B 29 -10.59 -12.50 -5.02
C VAL B 29 -11.37 -13.44 -5.94
N ALA B 30 -12.69 -13.47 -5.77
CA ALA B 30 -13.57 -14.30 -6.58
C ALA B 30 -14.19 -13.43 -7.67
N VAL B 31 -14.07 -13.87 -8.93
CA VAL B 31 -14.68 -13.16 -10.06
C VAL B 31 -15.57 -14.13 -10.85
N ASP B 32 -16.77 -13.67 -11.19
CA ASP B 32 -17.69 -14.47 -11.99
C ASP B 32 -17.39 -14.23 -13.49
N LYS B 33 -17.65 -13.00 -13.95
CA LYS B 33 -17.49 -12.64 -15.35
C LYS B 33 -16.77 -11.29 -15.45
N LYS B 34 -16.34 -10.94 -16.66
CA LYS B 34 -15.78 -9.63 -16.92
C LYS B 34 -16.93 -8.63 -16.83
N SER B 35 -16.76 -7.62 -15.98
CA SER B 35 -17.75 -6.58 -15.77
C SER B 35 -17.08 -5.39 -15.08
N ASP B 36 -17.73 -4.23 -15.15
CA ASP B 36 -17.29 -3.02 -14.45
C ASP B 36 -17.18 -3.33 -12.95
N ARG B 37 -18.15 -4.08 -12.41
CA ARG B 37 -18.15 -4.43 -10.99
C ARG B 37 -16.92 -5.29 -10.67
N ALA B 38 -16.65 -6.31 -11.50
CA ALA B 38 -15.52 -7.20 -11.28
C ALA B 38 -14.22 -6.38 -11.25
N GLU B 39 -14.13 -5.38 -12.13
CA GLU B 39 -12.95 -4.52 -12.18
C GLU B 39 -12.75 -3.77 -10.85
N ARG B 40 -13.84 -3.25 -10.29
CA ARG B 40 -13.80 -2.51 -9.02
C ARG B 40 -13.37 -3.46 -7.88
N VAL B 41 -13.89 -4.69 -7.92
CA VAL B 41 -13.55 -5.74 -6.96
C VAL B 41 -12.03 -5.99 -7.00
N LEU B 42 -11.51 -6.16 -8.22
CA LEU B 42 -10.10 -6.46 -8.43
C LEU B 42 -9.21 -5.29 -8.01
N ARG B 43 -9.63 -4.05 -8.32
CA ARG B 43 -8.87 -2.86 -7.97
C ARG B 43 -8.75 -2.76 -6.44
N PHE B 44 -9.83 -3.05 -5.72
CA PHE B 44 -9.79 -2.98 -4.25
C PHE B 44 -8.88 -4.08 -3.68
N ALA B 45 -9.01 -5.28 -4.21
CA ALA B 45 -8.19 -6.44 -3.85
C ALA B 45 -6.69 -6.13 -4.05
N ALA B 46 -6.35 -5.52 -5.20
CA ALA B 46 -4.98 -5.14 -5.53
C ALA B 46 -4.43 -4.15 -4.50
N GLU B 47 -5.27 -3.20 -4.08
CA GLU B 47 -4.87 -2.18 -3.12
C GLU B 47 -4.57 -2.85 -1.76
N GLU B 48 -5.45 -3.76 -1.34
CA GLU B 48 -5.25 -4.52 -0.10
C GLU B 48 -3.90 -5.25 -0.16
N ALA B 49 -3.62 -5.89 -1.30
CA ALA B 49 -2.43 -6.70 -1.50
C ALA B 49 -1.17 -5.83 -1.49
N ARG B 50 -1.21 -4.70 -2.20
CA ARG B 50 -0.11 -3.71 -2.26
C ARG B 50 0.25 -3.23 -0.85
N LEU B 51 -0.77 -2.88 -0.08
CA LEU B 51 -0.57 -2.35 1.27
C LEU B 51 0.05 -3.42 2.19
N ARG B 52 -0.40 -4.67 2.04
CA ARG B 52 -0.05 -5.74 2.98
C ARG B 52 1.17 -6.54 2.50
N GLY B 53 1.57 -6.35 1.24
CA GLY B 53 2.75 -7.01 0.65
C GLY B 53 2.54 -8.50 0.44
N VAL B 54 1.37 -8.86 -0.09
CA VAL B 54 1.03 -10.25 -0.39
C VAL B 54 0.48 -10.30 -1.81
N PRO B 55 0.51 -11.48 -2.47
CA PRO B 55 -0.07 -11.64 -3.80
C PRO B 55 -1.60 -11.74 -3.76
N VAL B 56 -2.23 -11.52 -4.91
CA VAL B 56 -3.64 -11.75 -5.12
C VAL B 56 -3.82 -13.09 -5.86
N TYR B 57 -4.63 -13.98 -5.28
CA TYR B 57 -5.07 -15.18 -5.97
C TYR B 57 -6.48 -14.95 -6.49
N VAL B 58 -6.62 -14.91 -7.83
CA VAL B 58 -7.91 -14.70 -8.45
C VAL B 58 -8.52 -16.06 -8.74
N VAL B 59 -9.75 -16.30 -8.27
CA VAL B 59 -10.37 -17.60 -8.40
C VAL B 59 -11.69 -17.47 -9.16
N HIS B 60 -11.98 -18.53 -9.92
CA HIS B 60 -13.28 -18.78 -10.50
C HIS B 60 -13.56 -20.28 -10.38
N SER B 61 -14.80 -20.63 -9.98
CA SER B 61 -15.20 -21.99 -9.64
C SER B 61 -16.18 -22.53 -10.70
N LEU B 62 -15.90 -23.75 -11.20
CA LEU B 62 -16.85 -24.56 -12.02
C LEU B 62 -16.98 -25.94 -11.39
N PRO B 63 -18.15 -26.61 -11.47
CA PRO B 63 -18.31 -27.97 -10.92
C PRO B 63 -17.41 -29.04 -11.56
N GLY B 64 -17.44 -29.13 -12.90
CA GLY B 64 -16.53 -29.99 -13.67
C GLY B 64 -17.14 -31.28 -14.16
N GLY B 65 -18.47 -31.42 -14.05
CA GLY B 65 -19.18 -32.60 -14.58
C GLY B 65 -19.59 -32.40 -16.03
N GLY B 66 -20.50 -33.26 -16.50
CA GLY B 66 -21.05 -33.20 -17.86
C GLY B 66 -21.75 -31.88 -18.18
N ARG B 67 -22.21 -31.19 -17.13
CA ARG B 67 -22.94 -29.92 -17.26
C ARG B 67 -21.98 -28.77 -17.57
N THR B 68 -20.73 -28.86 -17.11
CA THR B 68 -19.68 -27.87 -17.40
C THR B 68 -19.26 -27.97 -18.88
N LYS B 69 -19.66 -26.98 -19.68
CA LYS B 69 -19.50 -27.02 -21.14
C LYS B 69 -18.20 -26.30 -21.53
N ASP B 70 -17.74 -26.56 -22.77
CA ASP B 70 -16.54 -25.98 -23.36
C ASP B 70 -16.51 -24.46 -23.15
N GLU B 71 -17.59 -23.80 -23.58
CA GLU B 71 -17.68 -22.32 -23.60
C GLU B 71 -17.62 -21.75 -22.17
N ASP B 72 -18.14 -22.51 -21.19
CA ASP B 72 -18.04 -22.13 -19.78
C ASP B 72 -16.57 -22.01 -19.38
N ILE B 73 -15.75 -22.97 -19.83
CA ILE B 73 -14.37 -23.05 -19.42
C ILE B 73 -13.58 -21.96 -20.16
N ILE B 74 -13.90 -21.74 -21.45
CA ILE B 74 -13.28 -20.70 -22.27
C ILE B 74 -13.46 -19.34 -21.57
N GLU B 75 -14.73 -19.03 -21.24
CA GLU B 75 -15.09 -17.76 -20.64
C GLU B 75 -14.34 -17.60 -19.32
N ALA B 76 -14.29 -18.66 -18.51
CA ALA B 76 -13.67 -18.59 -17.20
C ALA B 76 -12.18 -18.27 -17.36
N LYS B 77 -11.52 -18.93 -18.32
CA LYS B 77 -10.09 -18.73 -18.56
C LYS B 77 -9.82 -17.29 -18.99
N GLU B 78 -10.70 -16.78 -19.88
CA GLU B 78 -10.58 -15.40 -20.37
C GLU B 78 -10.74 -14.42 -19.20
N THR B 79 -11.73 -14.69 -18.34
CA THR B 79 -12.01 -13.85 -17.19
C THR B 79 -10.79 -13.79 -16.27
N LEU B 80 -10.18 -14.94 -16.00
CA LEU B 80 -9.06 -15.01 -15.05
C LEU B 80 -7.82 -14.31 -15.62
N SER B 81 -7.59 -14.48 -16.93
CA SER B 81 -6.46 -13.85 -17.59
C SER B 81 -6.61 -12.32 -17.52
N TRP B 82 -7.82 -11.84 -17.83
CA TRP B 82 -8.14 -10.42 -17.75
C TRP B 82 -7.97 -9.93 -16.30
N ALA B 83 -8.51 -10.69 -15.35
CA ALA B 83 -8.49 -10.28 -13.94
C ALA B 83 -7.05 -10.10 -13.45
N VAL B 84 -6.17 -11.06 -13.77
CA VAL B 84 -4.78 -11.00 -13.31
C VAL B 84 -4.06 -9.79 -13.95
N SER B 85 -4.41 -9.46 -15.21
CA SER B 85 -3.81 -8.30 -15.86
C SER B 85 -4.19 -7.01 -15.09
N ILE B 86 -5.43 -6.93 -14.61
CA ILE B 86 -5.88 -5.79 -13.83
C ILE B 86 -5.07 -5.68 -12.53
N ILE B 87 -4.87 -6.82 -11.85
CA ILE B 87 -4.13 -6.87 -10.60
C ILE B 87 -2.72 -6.30 -10.80
N ARG B 88 -2.05 -6.76 -11.87
CA ARG B 88 -0.67 -6.38 -12.17
C ARG B 88 -0.59 -4.90 -12.54
N LYS B 89 -1.54 -4.43 -13.36
CA LYS B 89 -1.62 -3.01 -13.74
CA LYS B 89 -1.62 -3.01 -13.74
C LYS B 89 -1.80 -2.14 -12.49
N GLU B 90 -2.51 -2.64 -11.48
CA GLU B 90 -2.75 -1.90 -10.22
C GLU B 90 -1.56 -2.09 -9.25
N GLY B 91 -0.46 -2.70 -9.69
CA GLY B 91 0.78 -2.72 -8.95
C GLY B 91 0.88 -3.83 -7.92
N ALA B 92 0.03 -4.87 -8.02
CA ALA B 92 0.14 -6.05 -7.15
C ALA B 92 0.55 -7.28 -7.97
N GLU B 93 1.03 -8.31 -7.27
CA GLU B 93 1.34 -9.61 -7.83
C GLU B 93 0.04 -10.43 -7.85
N GLY B 94 -0.26 -11.07 -8.98
CA GLY B 94 -1.50 -11.84 -9.17
C GLY B 94 -1.24 -13.20 -9.80
N GLU B 95 -2.03 -14.20 -9.38
CA GLU B 95 -2.03 -15.55 -9.93
C GLU B 95 -3.47 -15.97 -10.23
N GLU B 96 -3.67 -16.69 -11.34
CA GLU B 96 -4.96 -17.29 -11.69
C GLU B 96 -5.07 -18.64 -11.01
N HIS B 97 -6.26 -18.92 -10.47
CA HIS B 97 -6.60 -20.22 -9.91
C HIS B 97 -8.02 -20.59 -10.37
N LEU B 98 -8.12 -21.30 -11.49
CA LEU B 98 -9.37 -21.93 -11.90
C LEU B 98 -9.61 -23.13 -10.99
N LEU B 99 -10.81 -23.23 -10.41
CA LEU B 99 -11.17 -24.32 -9.51
C LEU B 99 -12.28 -25.16 -10.14
N VAL B 100 -11.95 -26.42 -10.45
CA VAL B 100 -12.91 -27.39 -10.89
C VAL B 100 -12.76 -28.60 -9.97
N ARG B 101 -13.55 -28.62 -8.90
CA ARG B 101 -13.29 -29.48 -7.74
C ARG B 101 -14.55 -30.22 -7.28
N GLY B 102 -15.59 -30.22 -8.12
CA GLY B 102 -16.87 -30.87 -7.83
C GLY B 102 -17.61 -30.21 -6.68
N LYS B 103 -17.37 -28.92 -6.45
CA LYS B 103 -18.04 -28.17 -5.37
C LYS B 103 -18.88 -27.04 -5.97
N GLU B 104 -19.86 -26.56 -5.18
CA GLU B 104 -20.58 -25.34 -5.53
C GLU B 104 -19.64 -24.17 -5.29
N PRO B 105 -19.75 -23.08 -6.08
CA PRO B 105 -18.84 -21.94 -5.96
C PRO B 105 -18.59 -21.40 -4.56
N PRO B 106 -19.60 -21.15 -3.69
CA PRO B 106 -19.34 -20.57 -2.37
C PRO B 106 -18.44 -21.48 -1.52
N ASP B 107 -18.75 -22.78 -1.48
CA ASP B 107 -17.95 -23.74 -0.71
C ASP B 107 -16.52 -23.81 -1.27
N ASP B 108 -16.42 -23.75 -2.60
CA ASP B 108 -15.17 -23.83 -3.32
C ASP B 108 -14.27 -22.65 -2.92
N ILE B 109 -14.83 -21.43 -2.95
CA ILE B 109 -14.11 -20.19 -2.66
C ILE B 109 -13.67 -20.23 -1.19
N VAL B 110 -14.59 -20.59 -0.31
CA VAL B 110 -14.33 -20.59 1.15
C VAL B 110 -13.23 -21.60 1.49
N ASP B 111 -13.33 -22.80 0.91
CA ASP B 111 -12.36 -23.86 1.20
C ASP B 111 -10.98 -23.47 0.64
N PHE B 112 -10.96 -22.91 -0.57
CA PHE B 112 -9.71 -22.45 -1.18
C PHE B 112 -9.02 -21.41 -0.27
N ALA B 113 -9.79 -20.44 0.21
CA ALA B 113 -9.28 -19.37 1.08
C ALA B 113 -8.64 -19.98 2.34
N ASP B 114 -9.29 -20.99 2.93
CA ASP B 114 -8.73 -21.68 4.11
C ASP B 114 -7.47 -22.46 3.73
N GLU B 115 -7.47 -23.10 2.55
CA GLU B 115 -6.36 -23.93 2.12
C GLU B 115 -5.09 -23.09 1.92
N VAL B 116 -5.23 -21.85 1.45
CA VAL B 116 -4.07 -21.00 1.16
C VAL B 116 -3.83 -20.00 2.30
N ASP B 117 -4.60 -20.12 3.39
CA ASP B 117 -4.49 -19.26 4.57
C ASP B 117 -4.58 -17.78 4.17
N ALA B 118 -5.62 -17.44 3.40
CA ALA B 118 -5.88 -16.09 2.91
C ALA B 118 -6.04 -15.08 4.05
N ILE B 119 -5.57 -13.86 3.83
CA ILE B 119 -5.77 -12.75 4.76
C ILE B 119 -7.25 -12.33 4.71
N ALA B 120 -7.81 -12.33 3.50
CA ALA B 120 -9.19 -11.92 3.28
C ALA B 120 -9.67 -12.47 1.93
N ILE B 121 -11.00 -12.53 1.80
CA ILE B 121 -11.69 -12.82 0.56
C ILE B 121 -12.34 -11.53 0.06
N VAL B 122 -12.20 -11.22 -1.22
CA VAL B 122 -12.85 -10.05 -1.79
C VAL B 122 -13.85 -10.54 -2.84
N ILE B 123 -15.09 -10.03 -2.79
CA ILE B 123 -16.15 -10.44 -3.67
C ILE B 123 -17.00 -9.23 -4.08
N GLY B 124 -17.64 -9.34 -5.23
CA GLY B 124 -18.60 -8.35 -5.68
C GLY B 124 -20.01 -8.70 -5.24
N ILE B 125 -20.78 -7.68 -4.88
CA ILE B 125 -22.19 -7.77 -4.50
C ILE B 125 -22.96 -6.90 -5.48
N ARG B 126 -24.11 -7.38 -5.96
CA ARG B 126 -25.09 -6.53 -6.64
C ARG B 126 -25.68 -5.50 -5.66
N LYS B 127 -25.55 -4.22 -6.02
CA LYS B 127 -26.19 -3.13 -5.32
C LYS B 127 -27.65 -3.13 -5.77
N ARG B 128 -28.56 -3.51 -4.87
CA ARG B 128 -29.99 -3.53 -5.21
C ARG B 128 -30.74 -2.65 -4.22
N SER B 129 -31.60 -1.78 -4.76
CA SER B 129 -32.51 -0.99 -3.95
C SER B 129 -33.66 -1.89 -3.51
N PRO B 130 -34.34 -1.56 -2.39
CA PRO B 130 -35.41 -2.40 -1.86
C PRO B 130 -36.70 -2.33 -2.69
N THR B 131 -37.47 -3.41 -2.64
CA THR B 131 -38.73 -3.60 -3.41
C THR B 131 -39.81 -4.20 -2.50
N GLY B 132 -39.87 -3.69 -1.26
CA GLY B 132 -40.65 -4.33 -0.17
C GLY B 132 -39.96 -5.55 0.42
N LYS B 133 -38.69 -5.74 0.05
CA LYS B 133 -37.84 -6.86 0.44
CA LYS B 133 -37.84 -6.86 0.44
C LYS B 133 -36.42 -6.56 -0.07
N LEU B 134 -35.40 -7.14 0.57
CA LEU B 134 -34.00 -6.87 0.22
C LEU B 134 -33.17 -8.15 0.47
N ILE B 135 -32.62 -8.74 -0.59
CA ILE B 135 -32.16 -10.15 -0.49
C ILE B 135 -30.73 -10.29 -1.04
N PHE B 136 -29.99 -11.24 -0.46
CA PHE B 136 -28.73 -11.65 -1.02
C PHE B 136 -28.94 -12.66 -2.15
N GLY B 137 -28.07 -12.57 -3.16
CA GLY B 137 -27.76 -13.69 -4.02
C GLY B 137 -27.18 -14.82 -3.18
N SER B 138 -27.56 -16.06 -3.54
CA SER B 138 -27.23 -17.24 -2.75
C SER B 138 -25.70 -17.40 -2.63
N VAL B 139 -24.97 -17.06 -3.70
CA VAL B 139 -23.52 -17.25 -3.76
C VAL B 139 -22.84 -16.29 -2.78
N ALA B 140 -23.17 -14.99 -2.86
CA ALA B 140 -22.57 -13.97 -2.01
C ALA B 140 -22.86 -14.29 -0.54
N ARG B 141 -24.12 -14.61 -0.26
CA ARG B 141 -24.59 -14.91 1.09
C ARG B 141 -23.71 -16.00 1.68
N ASP B 142 -23.53 -17.11 0.94
CA ASP B 142 -22.87 -18.28 1.48
C ASP B 142 -21.36 -18.03 1.60
N VAL B 143 -20.77 -17.26 0.68
CA VAL B 143 -19.36 -16.90 0.81
C VAL B 143 -19.16 -16.12 2.12
N ILE B 144 -19.99 -15.09 2.31
CA ILE B 144 -19.79 -14.16 3.43
C ILE B 144 -19.94 -14.94 4.75
N LEU B 145 -20.96 -15.82 4.80
CA LEU B 145 -21.33 -16.46 6.07
C LEU B 145 -20.48 -17.69 6.35
N LYS B 146 -20.08 -18.42 5.29
CA LYS B 146 -19.33 -19.66 5.49
C LYS B 146 -17.83 -19.40 5.63
N ALA B 147 -17.32 -18.26 5.12
CA ALA B 147 -15.90 -17.96 5.20
C ALA B 147 -15.42 -17.93 6.66
N ASN B 148 -14.21 -18.43 6.87
CA ASN B 148 -13.49 -18.39 8.14
C ASN B 148 -12.42 -17.29 8.09
N LYS B 149 -12.54 -16.37 7.13
CA LYS B 149 -11.62 -15.27 6.91
C LYS B 149 -12.47 -13.99 6.78
N PRO B 150 -11.90 -12.79 6.99
CA PRO B 150 -12.57 -11.54 6.63
C PRO B 150 -13.06 -11.57 5.17
N VAL B 151 -14.25 -11.01 4.93
CA VAL B 151 -14.83 -10.94 3.57
C VAL B 151 -15.10 -9.46 3.25
N ILE B 152 -14.51 -9.00 2.14
CA ILE B 152 -14.64 -7.64 1.69
C ILE B 152 -15.63 -7.61 0.53
N CYS B 153 -16.72 -6.85 0.72
CA CYS B 153 -17.82 -6.78 -0.25
C CYS B 153 -17.76 -5.44 -0.99
N ILE B 154 -17.66 -5.52 -2.32
CA ILE B 154 -17.51 -4.35 -3.21
C ILE B 154 -18.72 -4.30 -4.17
N LYS B 155 -19.28 -3.10 -4.38
CA LYS B 155 -20.39 -2.85 -5.31
C LYS B 155 -19.88 -2.40 -6.69
N TYR C 24 35.73 -2.69 -7.76
CA TYR C 24 34.87 -1.48 -7.67
C TYR C 24 33.48 -1.90 -7.20
N PRO C 26 29.80 -1.23 -7.90
CA PRO C 26 29.02 -0.60 -8.96
C PRO C 26 27.73 0.07 -8.47
N ILE C 27 27.18 0.91 -9.34
CA ILE C 27 25.78 1.29 -9.28
C ILE C 27 24.99 0.21 -10.04
N VAL C 28 23.96 -0.35 -9.39
CA VAL C 28 23.08 -1.33 -10.03
C VAL C 28 21.80 -0.61 -10.43
N VAL C 29 21.38 -0.78 -11.68
CA VAL C 29 20.14 -0.22 -12.14
C VAL C 29 19.25 -1.34 -12.68
N ALA C 30 18.03 -1.42 -12.16
CA ALA C 30 17.04 -2.40 -12.58
C ALA C 30 16.10 -1.73 -13.60
N VAL C 31 15.96 -2.35 -14.78
CA VAL C 31 15.11 -1.82 -15.85
CA VAL C 31 15.11 -1.82 -15.85
C VAL C 31 14.10 -2.90 -16.25
N ASP C 32 12.82 -2.51 -16.37
CA ASP C 32 11.79 -3.44 -16.83
C ASP C 32 11.73 -3.38 -18.36
N LYS C 33 11.27 -2.24 -18.90
CA LYS C 33 11.03 -2.07 -20.32
C LYS C 33 11.52 -0.68 -20.75
N LYS C 34 11.57 -0.45 -22.06
CA LYS C 34 11.81 0.89 -22.58
C LYS C 34 10.61 1.76 -22.24
N SER C 35 10.89 2.89 -21.58
CA SER C 35 9.89 3.88 -21.20
C SER C 35 10.61 5.19 -20.85
N ASP C 36 9.86 6.30 -20.83
CA ASP C 36 10.39 7.60 -20.44
C ASP C 36 10.98 7.48 -19.02
N ARG C 37 10.28 6.77 -18.14
CA ARG C 37 10.74 6.62 -16.76
C ARG C 37 12.05 5.81 -16.72
N ALA C 38 12.13 4.71 -17.48
CA ALA C 38 13.36 3.90 -17.52
C ALA C 38 14.55 4.78 -17.97
N GLU C 39 14.31 5.66 -18.93
CA GLU C 39 15.35 6.55 -19.43
C GLU C 39 15.85 7.46 -18.30
N ARG C 40 14.92 8.02 -17.51
CA ARG C 40 15.27 8.91 -16.41
C ARG C 40 16.05 8.13 -15.35
N VAL C 41 15.64 6.89 -15.07
CA VAL C 41 16.31 6.00 -14.14
C VAL C 41 17.77 5.81 -14.56
N LEU C 42 17.97 5.51 -15.86
CA LEU C 42 19.30 5.24 -16.38
C LEU C 42 20.19 6.50 -16.36
N ARG C 43 19.60 7.65 -16.73
CA ARG C 43 20.33 8.91 -16.73
C ARG C 43 20.81 9.24 -15.30
N PHE C 44 19.95 9.02 -14.31
CA PHE C 44 20.30 9.32 -12.91
C PHE C 44 21.41 8.38 -12.44
N ALA C 45 21.27 7.08 -12.76
CA ALA C 45 22.27 6.07 -12.44
C ALA C 45 23.62 6.41 -13.05
N ALA C 46 23.63 6.84 -14.32
CA ALA C 46 24.88 7.18 -15.04
C ALA C 46 25.57 8.37 -14.34
N GLU C 47 24.77 9.35 -13.90
CA GLU C 47 25.31 10.52 -13.23
C GLU C 47 25.94 10.10 -11.88
N GLU C 48 25.25 9.25 -11.13
CA GLU C 48 25.79 8.70 -9.86
C GLU C 48 27.15 8.03 -10.14
N ALA C 49 27.21 7.23 -11.21
CA ALA C 49 28.39 6.45 -11.56
C ALA C 49 29.55 7.38 -11.98
N ARG C 50 29.25 8.38 -12.80
CA ARG C 50 30.23 9.38 -13.24
C ARG C 50 30.83 10.13 -12.05
N LEU C 51 29.97 10.55 -11.12
CA LEU C 51 30.40 11.29 -9.93
C LEU C 51 31.33 10.42 -9.07
N ARG C 52 31.01 9.13 -8.94
CA ARG C 52 31.70 8.24 -8.00
C ARG C 52 32.87 7.52 -8.68
N GLY C 53 32.91 7.51 -10.01
CA GLY C 53 33.94 6.82 -10.79
C GLY C 53 33.83 5.29 -10.68
N VAL C 54 32.60 4.79 -10.81
CA VAL C 54 32.31 3.36 -10.78
C VAL C 54 31.44 3.01 -12.00
N PRO C 55 31.43 1.74 -12.42
CA PRO C 55 30.56 1.31 -13.52
C PRO C 55 29.09 1.14 -13.10
N VAL C 56 28.20 1.13 -14.10
CA VAL C 56 26.80 0.82 -13.94
C VAL C 56 26.56 -0.61 -14.42
N TYR C 57 25.96 -1.44 -13.55
CA TYR C 57 25.47 -2.76 -13.94
C TYR C 57 23.97 -2.68 -14.16
N VAL C 58 23.51 -2.86 -15.39
CA VAL C 58 22.10 -2.81 -15.72
C VAL C 58 21.55 -4.24 -15.68
N VAL C 59 20.50 -4.44 -14.90
CA VAL C 59 19.95 -5.79 -14.70
C VAL C 59 18.48 -5.83 -15.14
N HIS C 60 18.11 -6.99 -15.66
CA HIS C 60 16.73 -7.39 -15.85
C HIS C 60 16.60 -8.86 -15.48
N SER C 61 15.53 -9.19 -14.74
CA SER C 61 15.32 -10.52 -14.16
C SER C 61 14.16 -11.23 -14.86
N LEU C 62 14.39 -12.49 -15.27
CA LEU C 62 13.33 -13.43 -15.69
C LEU C 62 13.43 -14.71 -14.86
N PRO C 63 12.31 -15.40 -14.56
CA PRO C 63 12.35 -16.64 -13.79
C PRO C 63 13.15 -17.79 -14.44
N GLY C 64 12.81 -18.11 -15.70
CA GLY C 64 13.28 -19.34 -16.36
C GLY C 64 12.24 -20.44 -16.23
N GLY C 65 12.43 -21.55 -16.95
CA GLY C 65 11.38 -22.55 -17.13
C GLY C 65 10.46 -22.18 -18.29
N GLY C 66 9.51 -23.09 -18.55
CA GLY C 66 8.65 -23.07 -19.74
C GLY C 66 7.79 -21.83 -19.84
N ARG C 67 7.55 -21.12 -18.71
CA ARG C 67 6.73 -19.91 -18.67
C ARG C 67 7.49 -18.72 -19.28
N THR C 68 8.82 -18.70 -19.13
CA THR C 68 9.69 -17.69 -19.77
C THR C 68 9.78 -17.99 -21.27
N LYS C 69 9.11 -17.16 -22.10
CA LYS C 69 8.97 -17.43 -23.55
C LYS C 69 10.09 -16.73 -24.32
N ASP C 70 10.29 -17.15 -25.57
CA ASP C 70 11.33 -16.64 -26.48
C ASP C 70 11.29 -15.11 -26.52
N GLU C 71 10.10 -14.57 -26.82
CA GLU C 71 9.87 -13.14 -27.03
C GLU C 71 10.17 -12.34 -25.74
N ASP C 72 9.90 -12.94 -24.57
CA ASP C 72 10.25 -12.34 -23.28
C ASP C 72 11.76 -12.08 -23.22
N ILE C 73 12.55 -13.07 -23.68
CA ILE C 73 13.99 -13.00 -23.55
C ILE C 73 14.53 -12.00 -24.57
N ILE C 74 13.95 -12.01 -25.78
CA ILE C 74 14.31 -11.09 -26.86
C ILE C 74 14.13 -9.65 -26.36
N GLU C 75 12.93 -9.36 -25.84
CA GLU C 75 12.58 -8.03 -25.37
C GLU C 75 13.56 -7.60 -24.25
N ALA C 76 13.85 -8.52 -23.34
CA ALA C 76 14.72 -8.20 -22.20
C ALA C 76 16.11 -7.82 -22.73
N LYS C 77 16.62 -8.61 -23.69
CA LYS C 77 17.95 -8.36 -24.27
C LYS C 77 17.98 -7.00 -24.98
N GLU C 78 16.91 -6.69 -25.71
CA GLU C 78 16.79 -5.40 -26.41
C GLU C 78 16.78 -4.26 -25.38
N THR C 79 16.02 -4.44 -24.30
CA THR C 79 15.95 -3.44 -23.24
C THR C 79 17.33 -3.18 -22.65
N LEU C 80 18.07 -4.25 -22.35
CA LEU C 80 19.40 -4.13 -21.70
C LEU C 80 20.40 -3.45 -22.66
N SER C 81 20.35 -3.82 -23.94
CA SER C 81 21.23 -3.25 -24.95
C SER C 81 20.97 -1.74 -25.06
N TRP C 82 19.70 -1.37 -25.12
CA TRP C 82 19.28 0.03 -25.15
C TRP C 82 19.77 0.76 -23.88
N ALA C 83 19.53 0.13 -22.73
CA ALA C 83 19.86 0.74 -21.46
C ALA C 83 21.36 1.05 -21.38
N VAL C 84 22.20 0.08 -21.76
CA VAL C 84 23.65 0.22 -21.66
C VAL C 84 24.13 1.31 -22.63
N SER C 85 23.47 1.44 -23.80
CA SER C 85 23.83 2.51 -24.75
C SER C 85 23.60 3.88 -24.09
N ILE C 86 22.50 4.02 -23.33
CA ILE C 86 22.21 5.28 -22.64
C ILE C 86 23.31 5.57 -21.61
N ILE C 87 23.70 4.56 -20.84
CA ILE C 87 24.74 4.71 -19.81
C ILE C 87 26.02 5.26 -20.43
N ARG C 88 26.44 4.65 -21.55
CA ARG C 88 27.68 4.98 -22.22
C ARG C 88 27.60 6.39 -22.84
N LYS C 89 26.46 6.72 -23.46
CA LYS C 89 26.23 8.05 -24.01
C LYS C 89 26.32 9.12 -22.91
N GLU C 90 25.95 8.75 -21.66
CA GLU C 90 26.02 9.70 -20.53
C GLU C 90 27.43 9.73 -19.92
N GLY C 91 28.39 9.01 -20.52
CA GLY C 91 29.80 9.09 -20.14
C GLY C 91 30.15 8.24 -18.94
N ALA C 92 29.34 7.21 -18.68
CA ALA C 92 29.65 6.20 -17.67
C ALA C 92 29.94 4.86 -18.34
N GLU C 93 30.63 4.00 -17.60
CA GLU C 93 30.91 2.63 -18.00
C GLU C 93 29.70 1.79 -17.60
N GLY C 94 29.20 0.96 -18.53
CA GLY C 94 28.00 0.15 -18.32
C GLY C 94 28.16 -1.27 -18.80
N GLU C 95 27.59 -2.22 -18.05
CA GLU C 95 27.53 -3.64 -18.39
C GLU C 95 26.08 -4.13 -18.33
N GLU C 96 25.70 -5.00 -19.26
CA GLU C 96 24.43 -5.73 -19.21
C GLU C 96 24.57 -6.97 -18.33
N HIS C 97 23.55 -7.23 -17.51
CA HIS C 97 23.45 -8.45 -16.72
C HIS C 97 22.00 -8.96 -16.78
N LEU C 98 21.71 -9.83 -17.75
CA LEU C 98 20.45 -10.57 -17.75
C LEU C 98 20.50 -11.63 -16.65
N LEU C 99 19.47 -11.70 -15.81
CA LEU C 99 19.40 -12.67 -14.72
C LEU C 99 18.23 -13.64 -14.97
N VAL C 100 18.58 -14.92 -15.18
CA VAL C 100 17.61 -15.99 -15.24
C VAL C 100 18.06 -17.05 -14.23
N ARG C 101 17.54 -16.95 -13.00
CA ARG C 101 18.15 -17.61 -11.84
C ARG C 101 17.11 -18.33 -10.98
N GLY C 102 15.88 -18.49 -11.52
CA GLY C 102 14.80 -19.17 -10.81
C GLY C 102 14.26 -18.37 -9.63
N LYS C 103 14.45 -17.04 -9.64
CA LYS C 103 13.98 -16.17 -8.55
C LYS C 103 12.95 -15.19 -9.10
N GLU C 104 12.14 -14.65 -8.18
CA GLU C 104 11.24 -13.54 -8.52
C GLU C 104 12.09 -12.29 -8.68
N PRO C 105 11.73 -11.34 -9.57
CA PRO C 105 12.55 -10.16 -9.83
C PRO C 105 13.06 -9.39 -8.61
N PRO C 106 12.24 -9.06 -7.59
CA PRO C 106 12.75 -8.27 -6.46
C PRO C 106 13.87 -9.00 -5.71
N ASP C 107 13.69 -10.29 -5.43
CA ASP C 107 14.72 -11.09 -4.73
C ASP C 107 15.99 -11.17 -5.59
N ASP C 108 15.78 -11.31 -6.91
CA ASP C 108 16.85 -11.44 -7.87
C ASP C 108 17.72 -10.16 -7.86
N ILE C 109 17.06 -9.00 -7.93
CA ILE C 109 17.73 -7.71 -7.97
C ILE C 109 18.48 -7.48 -6.66
N VAL C 110 17.80 -7.76 -5.54
CA VAL C 110 18.37 -7.51 -4.20
C VAL C 110 19.59 -8.40 -3.98
N ASP C 111 19.48 -9.68 -4.37
CA ASP C 111 20.59 -10.61 -4.20
C ASP C 111 21.77 -10.23 -5.10
N PHE C 112 21.47 -9.84 -6.35
CA PHE C 112 22.50 -9.41 -7.29
C PHE C 112 23.28 -8.24 -6.71
N ALA C 113 22.57 -7.24 -6.18
CA ALA C 113 23.18 -6.04 -5.58
C ALA C 113 24.13 -6.42 -4.44
N ASP C 114 23.71 -7.39 -3.60
CA ASP C 114 24.57 -7.87 -2.51
C ASP C 114 25.79 -8.62 -3.07
N GLU C 115 25.57 -9.42 -4.12
CA GLU C 115 26.61 -10.25 -4.70
C GLU C 115 27.74 -9.39 -5.27
N VAL C 116 27.39 -8.22 -5.86
CA VAL C 116 28.38 -7.36 -6.52
C VAL C 116 28.80 -6.21 -5.59
N ASP C 117 28.31 -6.20 -4.34
CA ASP C 117 28.63 -5.18 -3.35
C ASP C 117 28.32 -3.78 -3.90
N ALA C 118 27.09 -3.61 -4.42
CA ALA C 118 26.67 -2.36 -5.05
C ALA C 118 26.69 -1.21 -4.05
N ILE C 119 27.02 -0.01 -4.54
CA ILE C 119 26.93 1.22 -3.74
C ILE C 119 25.45 1.54 -3.53
N ALA C 120 24.65 1.34 -4.58
CA ALA C 120 23.22 1.60 -4.52
C ALA C 120 22.52 0.84 -5.64
N ILE C 121 21.20 0.68 -5.48
CA ILE C 121 20.29 0.20 -6.51
C ILE C 121 19.46 1.40 -6.98
N VAL C 122 19.34 1.57 -8.29
CA VAL C 122 18.49 2.61 -8.84
C VAL C 122 17.33 1.93 -9.56
N ILE C 123 16.10 2.35 -9.27
CA ILE C 123 14.90 1.71 -9.76
C ILE C 123 13.84 2.77 -10.04
N GLY C 124 12.95 2.43 -10.98
CA GLY C 124 11.85 3.31 -11.35
C GLY C 124 10.62 3.00 -10.49
N ILE C 125 9.88 4.08 -10.20
CA ILE C 125 8.64 4.04 -9.44
C ILE C 125 7.53 4.46 -10.38
N ARG C 126 6.47 3.63 -10.42
CA ARG C 126 5.40 3.78 -11.40
C ARG C 126 4.56 5.01 -11.05
N LYS C 127 4.48 5.29 -9.75
CA LYS C 127 3.82 6.46 -9.18
C LYS C 127 2.29 6.30 -9.25
N ARG C 128 1.71 6.21 -10.45
CA ARG C 128 0.26 6.19 -10.59
C ARG C 128 -0.17 4.91 -11.32
N SER C 129 -1.24 4.29 -10.80
CA SER C 129 -1.92 3.20 -11.46
C SER C 129 -2.75 3.78 -12.61
N PRO C 130 -3.25 2.94 -13.55
CA PRO C 130 -4.21 3.38 -14.56
C PRO C 130 -5.40 4.18 -14.01
N THR C 131 -5.80 3.91 -12.75
CA THR C 131 -6.92 4.61 -12.11
C THR C 131 -6.44 5.70 -11.13
N GLY C 132 -5.17 6.12 -11.24
CA GLY C 132 -4.68 7.32 -10.55
C GLY C 132 -4.30 7.06 -9.10
N LYS C 133 -4.27 5.78 -8.70
CA LYS C 133 -3.87 5.38 -7.33
C LYS C 133 -2.34 5.55 -7.22
N LEU C 134 -1.86 5.92 -6.04
CA LEU C 134 -0.41 6.05 -5.79
C LEU C 134 0.19 4.67 -5.53
N ILE C 135 1.05 4.20 -6.44
CA ILE C 135 1.62 2.86 -6.38
C ILE C 135 3.13 2.92 -6.60
N PHE C 136 3.85 1.94 -6.04
CA PHE C 136 5.25 1.74 -6.35
C PHE C 136 5.44 1.02 -7.70
N GLY C 137 4.57 0.03 -8.01
CA GLY C 137 4.93 -1.07 -8.91
C GLY C 137 5.41 -2.25 -8.08
N SER C 138 4.94 -3.47 -8.36
CA SER C 138 5.11 -4.60 -7.43
C SER C 138 6.60 -4.92 -7.23
N VAL C 139 7.40 -4.79 -8.30
CA VAL C 139 8.83 -5.14 -8.24
C VAL C 139 9.56 -4.10 -7.37
N ALA C 140 9.36 -2.82 -7.69
CA ALA C 140 10.01 -1.71 -6.99
C ALA C 140 9.67 -1.75 -5.50
N ARG C 141 8.40 -2.00 -5.18
CA ARG C 141 7.93 -2.05 -3.81
C ARG C 141 8.79 -3.00 -2.98
N ASP C 142 8.95 -4.23 -3.48
CA ASP C 142 9.62 -5.27 -2.73
C ASP C 142 11.13 -5.07 -2.76
N VAL C 143 11.68 -4.51 -3.84
CA VAL C 143 13.10 -4.15 -3.88
C VAL C 143 13.40 -3.16 -2.77
N ILE C 144 12.57 -2.11 -2.63
CA ILE C 144 12.80 -1.06 -1.65
C ILE C 144 12.84 -1.67 -0.24
N LEU C 145 11.94 -2.61 0.06
CA LEU C 145 11.82 -3.16 1.42
C LEU C 145 12.90 -4.22 1.70
N LYS C 146 13.22 -5.04 0.67
CA LYS C 146 14.09 -6.21 0.87
C LYS C 146 15.57 -5.86 0.73
N ALA C 147 15.90 -4.77 0.05
CA ALA C 147 17.32 -4.48 -0.29
C ALA C 147 18.14 -4.25 0.97
N ASN C 148 19.39 -4.70 0.94
CA ASN C 148 20.39 -4.42 1.97
C ASN C 148 21.38 -3.36 1.46
N LYS C 149 21.02 -2.67 0.38
CA LYS C 149 21.77 -1.55 -0.15
C LYS C 149 20.85 -0.34 -0.24
N PRO C 150 21.38 0.90 -0.28
CA PRO C 150 20.55 2.07 -0.58
C PRO C 150 19.75 1.87 -1.88
N VAL C 151 18.48 2.31 -1.90
CA VAL C 151 17.65 2.22 -3.10
C VAL C 151 17.22 3.62 -3.51
N ILE C 152 17.59 4.00 -4.73
CA ILE C 152 17.31 5.30 -5.28
C ILE C 152 16.10 5.16 -6.20
N CYS C 153 15.03 5.87 -5.85
CA CYS C 153 13.73 5.70 -6.46
C CYS C 153 13.45 6.92 -7.35
N ILE C 154 13.31 6.67 -8.66
CA ILE C 154 13.21 7.69 -9.69
C ILE C 154 11.85 7.54 -10.39
N LYS C 155 11.14 8.67 -10.57
CA LYS C 155 9.83 8.69 -11.22
C LYS C 155 10.01 9.13 -12.69
N ASN D 16 22.30 36.90 -12.13
CA ASN D 16 22.02 35.43 -12.25
C ASN D 16 22.47 34.73 -10.97
N LEU D 17 21.49 34.29 -10.18
CA LEU D 17 21.70 33.75 -8.82
C LEU D 17 22.26 32.31 -8.87
N TYR D 18 22.11 31.63 -10.02
CA TYR D 18 22.70 30.30 -10.22
C TYR D 18 24.20 30.44 -10.51
N PHE D 19 24.53 31.30 -11.47
CA PHE D 19 25.92 31.58 -11.87
C PHE D 19 26.71 32.15 -10.69
N GLN D 20 26.07 33.03 -9.90
CA GLN D 20 26.73 33.72 -8.79
C GLN D 20 26.91 32.79 -7.57
N GLY D 21 26.40 31.55 -7.65
CA GLY D 21 26.50 30.57 -6.56
C GLY D 21 25.71 30.98 -5.32
N ILE D 23 21.99 30.40 -5.40
CA ILE D 23 20.96 29.33 -5.40
C ILE D 23 21.64 28.00 -5.71
N TYR D 24 21.46 27.05 -4.78
CA TYR D 24 21.87 25.64 -4.92
C TYR D 24 20.65 24.75 -4.74
N PRO D 26 19.55 21.65 -2.85
CA PRO D 26 20.10 20.86 -1.75
C PRO D 26 19.71 19.38 -1.78
N ILE D 27 20.42 18.59 -0.98
CA ILE D 27 19.98 17.29 -0.56
C ILE D 27 19.12 17.48 0.69
N VAL D 28 17.88 16.95 0.68
CA VAL D 28 16.99 17.02 1.82
C VAL D 28 17.00 15.66 2.51
N VAL D 29 17.20 15.67 3.82
CA VAL D 29 17.20 14.44 4.61
C VAL D 29 16.15 14.60 5.71
N ALA D 30 15.24 13.62 5.80
CA ALA D 30 14.22 13.61 6.83
C ALA D 30 14.66 12.69 7.96
N VAL D 31 14.68 13.20 9.20
CA VAL D 31 15.06 12.41 10.36
C VAL D 31 13.93 12.48 11.40
N ASP D 32 13.56 11.32 11.96
CA ASP D 32 12.54 11.25 13.00
C ASP D 32 13.23 11.42 14.35
N LYS D 33 14.04 10.43 14.73
CA LYS D 33 14.74 10.43 16.02
C LYS D 33 16.19 10.02 15.79
N LYS D 34 16.99 10.17 16.85
CA LYS D 34 18.35 9.69 16.85
C LYS D 34 18.31 8.16 16.82
N SER D 35 19.01 7.57 15.85
CA SER D 35 19.15 6.12 15.74
C SER D 35 20.38 5.79 14.87
N ASP D 36 20.84 4.55 14.96
CA ASP D 36 21.92 4.03 14.11
C ASP D 36 21.49 4.16 12.63
N ARG D 37 20.23 3.86 12.34
CA ARG D 37 19.73 3.96 10.97
C ARG D 37 19.77 5.42 10.50
N ALA D 38 19.31 6.36 11.34
CA ALA D 38 19.32 7.77 10.98
C ALA D 38 20.76 8.22 10.67
N GLU D 39 21.72 7.72 11.42
CA GLU D 39 23.12 8.06 11.20
C GLU D 39 23.58 7.60 9.80
N ARG D 40 23.18 6.39 9.41
CA ARG D 40 23.55 5.84 8.08
C ARG D 40 22.87 6.67 6.99
N VAL D 41 21.62 7.09 7.22
CA VAL D 41 20.87 7.95 6.32
C VAL D 41 21.66 9.25 6.09
N LEU D 42 22.08 9.86 7.19
CA LEU D 42 22.80 11.15 7.15
C LEU D 42 24.16 10.99 6.46
N ARG D 43 24.89 9.90 6.75
N ARG D 43 24.88 9.89 6.72
CA ARG D 43 26.19 9.65 6.12
CA ARG D 43 26.20 9.71 6.12
C ARG D 43 26.04 9.53 4.60
C ARG D 43 26.05 9.53 4.60
N PHE D 44 24.99 8.83 4.15
CA PHE D 44 24.76 8.66 2.69
C PHE D 44 24.41 10.01 2.05
N ALA D 45 23.53 10.77 2.71
CA ALA D 45 23.12 12.10 2.28
C ALA D 45 24.32 13.04 2.17
N ALA D 46 25.25 13.00 3.15
CA ALA D 46 26.46 13.83 3.15
C ALA D 46 27.33 13.50 1.93
N GLU D 47 27.43 12.21 1.59
CA GLU D 47 28.22 11.78 0.47
C GLU D 47 27.60 12.32 -0.84
N GLU D 48 26.29 12.20 -0.97
CA GLU D 48 25.57 12.74 -2.12
C GLU D 48 25.85 14.25 -2.26
N ALA D 49 25.82 14.96 -1.14
CA ALA D 49 26.01 16.42 -1.09
C ALA D 49 27.44 16.79 -1.49
N ARG D 50 28.43 16.06 -0.94
CA ARG D 50 29.85 16.26 -1.23
C ARG D 50 30.12 16.08 -2.72
N LEU D 51 29.55 15.03 -3.31
CA LEU D 51 29.75 14.71 -4.72
C LEU D 51 29.17 15.83 -5.61
N ARG D 52 28.00 16.35 -5.22
CA ARG D 52 27.22 17.28 -6.07
C ARG D 52 27.57 18.74 -5.75
N GLY D 53 28.23 18.98 -4.62
CA GLY D 53 28.64 20.33 -4.19
C GLY D 53 27.47 21.18 -3.76
N VAL D 54 26.55 20.59 -2.99
CA VAL D 54 25.37 21.24 -2.48
C VAL D 54 25.27 20.98 -0.98
N PRO D 55 24.54 21.82 -0.23
CA PRO D 55 24.32 21.59 1.20
C PRO D 55 23.27 20.51 1.45
N VAL D 56 23.28 19.97 2.67
CA VAL D 56 22.24 19.10 3.17
C VAL D 56 21.30 19.93 4.06
N TYR D 57 19.99 19.87 3.76
CA TYR D 57 18.96 20.41 4.60
C TYR D 57 18.35 19.26 5.39
N VAL D 58 18.54 19.25 6.71
CA VAL D 58 17.98 18.22 7.56
C VAL D 58 16.64 18.72 8.08
N VAL D 59 15.58 17.94 7.87
CA VAL D 59 14.25 18.37 8.24
C VAL D 59 13.65 17.39 9.26
N HIS D 60 12.86 17.98 10.16
CA HIS D 60 11.95 17.25 11.02
C HIS D 60 10.63 18.01 11.09
N SER D 61 9.51 17.29 10.99
CA SER D 61 8.17 17.88 10.87
C SER D 61 7.35 17.63 12.14
N LEU D 62 6.75 18.70 12.68
CA LEU D 62 5.72 18.63 13.75
C LEU D 62 4.50 19.43 13.31
N PRO D 63 3.26 19.06 13.70
CA PRO D 63 2.06 19.82 13.33
C PRO D 63 2.03 21.25 13.88
N GLY D 64 2.23 21.41 15.20
CA GLY D 64 2.35 22.72 15.84
C GLY D 64 1.10 23.19 16.58
N GLY D 65 0.12 22.30 16.76
CA GLY D 65 -1.08 22.61 17.54
C GLY D 65 -0.89 22.29 19.01
N GLY D 66 -2.00 22.25 19.76
CA GLY D 66 -2.00 21.99 21.21
C GLY D 66 -1.41 20.63 21.57
N ARG D 67 -1.42 19.69 20.62
CA ARG D 67 -0.91 18.33 20.82
C ARG D 67 0.63 18.32 20.80
N THR D 68 1.24 19.24 20.03
CA THR D 68 2.69 19.40 19.97
C THR D 68 3.19 20.05 21.28
N LYS D 69 3.84 19.26 22.14
CA LYS D 69 4.27 19.73 23.48
C LYS D 69 5.69 20.31 23.39
N ASP D 70 6.06 21.06 24.43
CA ASP D 70 7.39 21.68 24.62
C ASP D 70 8.49 20.66 24.31
N GLU D 71 8.42 19.52 25.04
CA GLU D 71 9.45 18.49 25.03
C GLU D 71 9.58 17.86 23.63
N ASP D 72 8.47 17.77 22.89
CA ASP D 72 8.48 17.29 21.51
C ASP D 72 9.37 18.20 20.66
N ILE D 73 9.27 19.51 20.87
CA ILE D 73 9.98 20.46 20.04
C ILE D 73 11.46 20.46 20.44
N ILE D 74 11.73 20.35 21.75
CA ILE D 74 13.09 20.26 22.30
C ILE D 74 13.80 19.05 21.67
N GLU D 75 13.16 17.88 21.74
CA GLU D 75 13.71 16.63 21.23
C GLU D 75 14.00 16.77 19.73
N ALA D 76 13.07 17.39 18.99
CA ALA D 76 13.23 17.54 17.54
C ALA D 76 14.46 18.41 17.27
N LYS D 77 14.62 19.51 18.02
CA LYS D 77 15.76 20.43 17.86
C LYS D 77 17.07 19.70 18.18
N GLU D 78 17.06 18.87 19.22
CA GLU D 78 18.23 18.08 19.61
C GLU D 78 18.58 17.10 18.49
N THR D 79 17.57 16.44 17.92
CA THR D 79 17.77 15.52 16.81
C THR D 79 18.43 16.25 15.63
N LEU D 80 17.92 17.44 15.29
CA LEU D 80 18.42 18.19 14.12
C LEU D 80 19.86 18.68 14.36
N SER D 81 20.16 19.11 15.59
CA SER D 81 21.50 19.55 15.96
C SER D 81 22.49 18.38 15.84
N TRP D 82 22.10 17.22 16.35
CA TRP D 82 22.88 15.99 16.21
C TRP D 82 23.08 15.65 14.72
N ALA D 83 21.98 15.70 13.96
CA ALA D 83 22.02 15.32 12.56
C ALA D 83 23.01 16.20 11.77
N VAL D 84 22.95 17.51 11.99
CA VAL D 84 23.80 18.45 11.28
C VAL D 84 25.27 18.23 11.66
N SER D 85 25.55 17.85 12.91
CA SER D 85 26.92 17.55 13.34
C SER D 85 27.47 16.36 12.54
N ILE D 86 26.63 15.36 12.28
CA ILE D 86 27.05 14.19 11.49
C ILE D 86 27.40 14.64 10.06
N ILE D 87 26.54 15.48 9.48
CA ILE D 87 26.73 15.98 8.11
CA ILE D 87 26.74 15.98 8.11
C ILE D 87 28.10 16.67 8.00
N ARG D 88 28.39 17.55 8.95
CA ARG D 88 29.60 18.36 8.95
C ARG D 88 30.84 17.48 9.16
N LYS D 89 30.76 16.52 10.09
CA LYS D 89 31.83 15.56 10.31
C LYS D 89 32.14 14.78 9.02
N GLU D 90 31.12 14.51 8.20
CA GLU D 90 31.30 13.79 6.93
C GLU D 90 31.74 14.73 5.79
N GLY D 91 32.03 15.99 6.11
CA GLY D 91 32.65 16.92 5.17
C GLY D 91 31.65 17.61 4.24
N ALA D 92 30.36 17.62 4.60
CA ALA D 92 29.36 18.38 3.86
C ALA D 92 28.86 19.56 4.70
N GLU D 93 28.25 20.53 3.99
CA GLU D 93 27.58 21.66 4.59
C GLU D 93 26.15 21.23 4.95
N GLY D 94 25.73 21.53 6.18
CA GLY D 94 24.42 21.14 6.67
C GLY D 94 23.70 22.29 7.36
N GLU D 95 22.37 22.32 7.19
CA GLU D 95 21.47 23.29 7.84
C GLU D 95 20.32 22.51 8.46
N GLU D 96 19.88 22.95 9.65
CA GLU D 96 18.67 22.46 10.30
C GLU D 96 17.46 23.23 9.77
N HIS D 97 16.38 22.50 9.50
CA HIS D 97 15.10 23.05 9.11
C HIS D 97 14.00 22.31 9.88
N LEU D 98 13.67 22.82 11.07
CA LEU D 98 12.50 22.36 11.78
C LEU D 98 11.25 22.89 11.06
N LEU D 99 10.29 22.02 10.78
CA LEU D 99 9.06 22.38 10.08
C LEU D 99 7.87 22.20 11.01
N VAL D 100 7.24 23.33 11.37
CA VAL D 100 6.01 23.34 12.11
C VAL D 100 5.02 24.18 11.29
N ARG D 101 4.26 23.50 10.43
CA ARG D 101 3.56 24.14 9.31
C ARG D 101 2.11 23.64 9.21
N GLY D 102 1.62 22.95 10.25
CA GLY D 102 0.28 22.40 10.29
C GLY D 102 0.03 21.30 9.27
N LYS D 103 1.09 20.58 8.87
CA LYS D 103 0.97 19.50 7.88
C LYS D 103 1.37 18.16 8.53
N GLU D 104 0.92 17.07 7.93
CA GLU D 104 1.40 15.75 8.29
C GLU D 104 2.82 15.61 7.76
N PRO D 105 3.72 14.88 8.45
CA PRO D 105 5.12 14.78 8.04
C PRO D 105 5.38 14.46 6.57
N PRO D 106 4.74 13.46 5.92
CA PRO D 106 5.07 13.13 4.53
C PRO D 106 4.80 14.32 3.59
N ASP D 107 3.64 14.96 3.73
CA ASP D 107 3.28 16.12 2.91
C ASP D 107 4.26 17.26 3.16
N ASP D 108 4.64 17.43 4.43
CA ASP D 108 5.54 18.48 4.86
C ASP D 108 6.90 18.32 4.17
N ILE D 109 7.44 17.10 4.23
CA ILE D 109 8.76 16.77 3.67
C ILE D 109 8.71 16.97 2.14
N VAL D 110 7.65 16.46 1.51
CA VAL D 110 7.53 16.48 0.05
C VAL D 110 7.42 17.93 -0.43
N ASP D 111 6.59 18.73 0.25
CA ASP D 111 6.38 20.12 -0.13
C ASP D 111 7.68 20.93 0.09
N PHE D 112 8.36 20.69 1.22
CA PHE D 112 9.62 21.35 1.50
C PHE D 112 10.64 21.08 0.38
N ALA D 113 10.77 19.81 -0.01
CA ALA D 113 11.70 19.39 -1.07
C ALA D 113 11.39 20.14 -2.38
N ASP D 114 10.12 20.27 -2.71
CA ASP D 114 9.71 21.03 -3.92
C ASP D 114 10.03 22.52 -3.75
N GLU D 115 9.79 23.06 -2.56
CA GLU D 115 9.98 24.48 -2.29
C GLU D 115 11.45 24.88 -2.45
N VAL D 116 12.38 24.00 -2.06
CA VAL D 116 13.81 24.32 -2.10
C VAL D 116 14.47 23.72 -3.35
N ASP D 117 13.67 23.12 -4.23
CA ASP D 117 14.14 22.51 -5.48
C ASP D 117 15.26 21.51 -5.19
N ALA D 118 14.99 20.58 -4.26
CA ALA D 118 15.96 19.57 -3.82
C ALA D 118 16.40 18.69 -4.99
N ILE D 119 17.67 18.26 -4.98
CA ILE D 119 18.17 17.27 -5.93
C ILE D 119 17.54 15.91 -5.59
N ALA D 120 17.43 15.62 -4.30
CA ALA D 120 16.92 14.35 -3.83
C ALA D 120 16.48 14.48 -2.36
N ILE D 121 15.60 13.56 -1.96
CA ILE D 121 15.19 13.34 -0.58
C ILE D 121 15.82 12.04 -0.10
N VAL D 122 16.40 12.05 1.09
CA VAL D 122 16.97 10.84 1.67
C VAL D 122 16.19 10.53 2.95
N ILE D 123 15.75 9.27 3.09
CA ILE D 123 14.92 8.84 4.20
C ILE D 123 15.37 7.44 4.66
N GLY D 124 15.11 7.15 5.93
CA GLY D 124 15.34 5.83 6.48
C GLY D 124 14.08 4.97 6.37
N ILE D 125 14.24 3.68 6.04
CA ILE D 125 13.11 2.76 6.08
C ILE D 125 13.54 1.53 6.90
N ARG D 126 12.58 0.92 7.57
CA ARG D 126 12.73 -0.44 8.11
C ARG D 126 12.43 -1.41 6.96
N LYS D 127 13.05 -2.60 7.02
CA LYS D 127 12.61 -3.79 6.28
C LYS D 127 11.21 -4.23 6.72
N LYS D 133 6.40 -8.91 8.20
CA LYS D 133 5.51 -8.61 7.08
C LYS D 133 6.18 -7.55 6.18
N LEU D 134 5.99 -7.67 4.86
CA LEU D 134 6.56 -6.73 3.91
C LEU D 134 5.64 -5.51 3.78
N ILE D 135 5.68 -4.61 4.75
CA ILE D 135 4.78 -3.44 4.73
C ILE D 135 5.57 -2.14 4.95
N PHE D 136 5.11 -1.05 4.32
CA PHE D 136 5.64 0.25 4.59
C PHE D 136 4.89 0.86 5.76
N GLY D 137 5.63 1.63 6.58
CA GLY D 137 5.05 2.67 7.40
C GLY D 137 4.40 3.71 6.50
N SER D 138 3.30 4.29 6.96
CA SER D 138 2.50 5.22 6.17
C SER D 138 3.33 6.44 5.77
N VAL D 139 4.25 6.88 6.65
CA VAL D 139 5.07 8.06 6.40
C VAL D 139 6.04 7.80 5.23
N ALA D 140 6.80 6.71 5.30
CA ALA D 140 7.77 6.36 4.25
C ALA D 140 7.06 6.19 2.91
N ARG D 141 5.94 5.44 2.93
CA ARG D 141 5.15 5.17 1.74
C ARG D 141 4.80 6.49 1.04
N ASP D 142 4.25 7.44 1.81
CA ASP D 142 3.72 8.67 1.24
C ASP D 142 4.86 9.59 0.79
N VAL D 143 5.98 9.60 1.51
CA VAL D 143 7.14 10.38 1.04
C VAL D 143 7.60 9.84 -0.32
N ILE D 144 7.79 8.53 -0.41
CA ILE D 144 8.39 7.94 -1.61
C ILE D 144 7.45 8.19 -2.80
N LEU D 145 6.13 8.02 -2.58
CA LEU D 145 5.18 8.04 -3.69
C LEU D 145 4.77 9.46 -4.05
N LYS D 146 4.68 10.35 -3.07
CA LYS D 146 4.19 11.72 -3.31
C LYS D 146 5.31 12.65 -3.77
N ALA D 147 6.58 12.34 -3.48
CA ALA D 147 7.68 13.23 -3.85
C ALA D 147 7.73 13.43 -5.38
N ASN D 148 8.08 14.65 -5.80
CA ASN D 148 8.34 15.00 -7.18
C ASN D 148 9.85 15.14 -7.41
N LYS D 149 10.64 14.53 -6.53
CA LYS D 149 12.09 14.48 -6.58
C LYS D 149 12.50 13.02 -6.40
N PRO D 150 13.72 12.63 -6.82
CA PRO D 150 14.30 11.34 -6.44
C PRO D 150 14.25 11.13 -4.91
N VAL D 151 13.93 9.90 -4.48
CA VAL D 151 13.92 9.54 -3.06
C VAL D 151 14.89 8.37 -2.85
N ILE D 152 15.85 8.58 -1.95
CA ILE D 152 16.86 7.60 -1.62
C ILE D 152 16.47 6.96 -0.28
N CYS D 153 16.30 5.64 -0.30
CA CYS D 153 15.86 4.88 0.88
C CYS D 153 17.06 4.10 1.44
N ILE D 154 17.36 4.36 2.71
CA ILE D 154 18.49 3.76 3.43
C ILE D 154 17.94 2.93 4.61
N LYS D 155 18.56 1.76 4.84
CA LYS D 155 18.21 0.88 5.98
C LYS D 155 19.29 0.91 7.06
#